data_6JZY
#
_entry.id   6JZY
#
_cell.length_a   65.609
_cell.length_b   71.248
_cell.length_c   135.677
_cell.angle_alpha   90.00
_cell.angle_beta   90.00
_cell.angle_gamma   90.00
#
_symmetry.space_group_name_H-M   'P 21 21 21'
#
loop_
_entity.id
_entity.type
_entity.pdbx_description
1 polymer 'Long-chain acyl-[acyl-carrier-protein] reductase'
2 polymer 'Aldehyde decarbonylase'
3 non-polymer 'NADPH DIHYDRO-NICOTINAMIDE-ADENINE-DINUCLEOTIDE PHOSPHATE'
4 non-polymer octadecanal
5 non-polymer HEXADECAN-1-OL
6 non-polymer 'FE (II) ION'
7 water water
#
loop_
_entity_poly.entity_id
_entity_poly.type
_entity_poly.pdbx_seq_one_letter_code
_entity_poly.pdbx_strand_id
1 'polypeptide(L)'
;MFGLIGHLTSLEQARDVSRRMGYDEYADQGLEFWSSAPPQIVDEITVTSATGKVIHGRYIESCFLPEMLAARRFKTATRK
VLNAMSHAQKHGIDISALGGFTSIIFENFDLASLRQVRDTTLEFERFTTGNTHTAYVICRQVEAAAKTLGIDITQATVAV
VGATGDIGSAVCRWLDLKLGVGDLILTARNQERLDNLQAELGRGKILPLEAALPEADFIVWVASMPQGVVIDPATLKQPC
VLIDGGYPKNLGSKVQGEGIYVLNGGVVEHCFDIDWQIMSAAEMARPERQMFACFAEAMLLEFEGWHTNFSWGRNQITIE
KMEAIGEASVRHGFQPLALAIENLYFQ
;
A
2 'polypeptide(L)'
;MRTPWDPPNPTFSLSSVSGDRRLMPQLEASLELDFQSESYKDAYSRINAIVIEGEQEAFDNYNRLAEMLPDQRDELHKLA
KMEQRHMKGFMACGKNLSVTPDMGFAQKFFERLHENFKAAAAEGKVVTCLLIQSLIIECFAIAAYNIYIPVADAFARKIT
EGVVRDEYLHRNFGEEWLKANFDASKAELEEANRQNLPLVWLMLNEVADDARELGMERESLVEDFMIAYGEALENIGFTT
REIMRMSAYGLAAV
;
B
#
loop_
_chem_comp.id
_chem_comp.type
_chem_comp.name
_chem_comp.formula
FE2 non-polymer 'FE (II) ION' 'Fe 2'
NDP non-polymer 'NADPH DIHYDRO-NICOTINAMIDE-ADENINE-DINUCLEOTIDE PHOSPHATE' 'C21 H30 N7 O17 P3'
OCD non-polymer octadecanal 'C18 H36 O'
PL3 non-polymer HEXADECAN-1-OL 'C16 H34 O'
#
# COMPACT_ATOMS: atom_id res chain seq x y z
N MET A 1 12.19 -12.41 8.12
CA MET A 1 11.79 -11.78 6.86
C MET A 1 11.50 -10.30 7.08
N PHE A 2 12.18 -9.41 6.36
CA PHE A 2 11.79 -8.00 6.40
C PHE A 2 10.95 -7.64 5.18
N GLY A 3 10.28 -6.50 5.28
CA GLY A 3 9.48 -6.01 4.19
C GLY A 3 9.76 -4.53 3.93
N LEU A 4 9.56 -4.14 2.68
CA LEU A 4 9.72 -2.75 2.25
C LEU A 4 8.42 -2.35 1.58
N ILE A 5 7.62 -1.54 2.25
CA ILE A 5 6.37 -1.06 1.69
C ILE A 5 6.66 0.28 1.04
N GLY A 6 6.56 0.33 -0.27
CA GLY A 6 6.80 1.58 -0.93
C GLY A 6 5.69 2.06 -1.82
N HIS A 7 6.00 3.11 -2.57
CA HIS A 7 5.14 3.71 -3.57
C HIS A 7 6.01 4.50 -4.54
N LEU A 8 5.42 4.84 -5.64
CA LEU A 8 6.09 5.60 -6.65
C LEU A 8 5.79 7.06 -6.55
N THR A 9 6.63 7.86 -7.15
CA THR A 9 6.48 9.30 -7.16
C THR A 9 5.40 9.95 -7.95
N SER A 10 4.98 9.38 -9.05
CA SER A 10 3.94 9.96 -9.86
C SER A 10 3.35 8.93 -10.75
N LEU A 11 2.26 9.28 -11.37
CA LEU A 11 1.64 8.42 -12.31
C LEU A 11 2.57 8.13 -13.43
N GLU A 12 3.30 9.12 -13.87
CA GLU A 12 4.24 8.92 -14.97
C GLU A 12 5.29 7.87 -14.61
N GLN A 13 5.87 7.95 -13.41
CA GLN A 13 6.80 6.92 -12.99
C GLN A 13 6.09 5.57 -12.88
N ALA A 14 4.86 5.56 -12.37
CA ALA A 14 4.10 4.31 -12.28
C ALA A 14 3.96 3.66 -13.64
N ARG A 15 3.74 4.45 -14.69
CA ARG A 15 3.66 3.89 -16.03
C ARG A 15 5.00 3.32 -16.48
N ASP A 16 6.08 4.08 -16.32
CA ASP A 16 7.39 3.60 -16.76
C ASP A 16 7.78 2.31 -16.05
N VAL A 17 7.71 2.34 -14.71
CA VAL A 17 8.11 1.17 -13.93
C VAL A 17 7.21 -0.01 -14.27
N SER A 18 5.92 0.25 -14.42
CA SER A 18 5.00 -0.76 -14.90
C SER A 18 5.25 -1.10 -16.37
N ARG A 19 5.74 -0.14 -17.17
CA ARG A 19 6.07 -0.46 -18.57
C ARG A 19 7.26 -1.41 -18.63
N ARG A 20 8.28 -1.17 -17.81
CA ARG A 20 9.26 -2.20 -17.50
C ARG A 20 8.58 -3.33 -16.74
N MET A 21 9.35 -4.39 -16.51
CA MET A 21 8.86 -5.58 -15.82
C MET A 21 7.55 -6.10 -16.43
N GLY A 22 7.45 -5.98 -17.76
CA GLY A 22 6.24 -6.44 -18.45
C GLY A 22 5.06 -5.54 -18.16
N TYR A 23 4.00 -6.11 -17.57
CA TYR A 23 2.87 -5.37 -17.00
C TYR A 23 2.28 -4.35 -17.96
N ASP A 24 1.95 -4.77 -19.18
CA ASP A 24 1.43 -3.81 -20.17
C ASP A 24 0.10 -3.22 -19.76
N GLU A 25 -0.72 -3.98 -19.03
CA GLU A 25 -2.04 -3.47 -18.67
C GLU A 25 -1.94 -2.49 -17.51
N TYR A 26 -1.00 -2.70 -16.57
CA TYR A 26 -0.82 -1.79 -15.45
C TYR A 26 -0.19 -0.46 -15.84
N ALA A 27 0.27 -0.28 -17.09
CA ALA A 27 1.08 0.86 -17.49
C ALA A 27 0.42 1.77 -18.53
N ASP A 28 -0.86 1.56 -18.81
CA ASP A 28 -1.59 2.49 -19.67
C ASP A 28 -2.78 3.10 -18.94
N GLN A 29 -2.96 2.76 -17.66
CA GLN A 29 -4.13 3.12 -16.88
C GLN A 29 -3.87 4.37 -16.06
N GLY A 30 -4.95 5.10 -15.77
CA GLY A 30 -4.87 6.36 -15.09
C GLY A 30 -4.98 6.22 -13.59
N LEU A 31 -5.35 7.32 -12.95
CA LEU A 31 -5.39 7.36 -11.49
C LEU A 31 -6.42 6.38 -10.93
N GLU A 32 -7.54 6.22 -11.61
CA GLU A 32 -8.60 5.39 -11.05
C GLU A 32 -8.21 3.92 -10.99
N PHE A 33 -7.40 3.43 -11.93
CA PHE A 33 -6.95 2.04 -11.84
C PHE A 33 -6.07 1.82 -10.62
N TRP A 34 -5.11 2.71 -10.39
CA TRP A 34 -4.26 2.58 -9.21
C TRP A 34 -5.07 2.77 -7.95
N SER A 35 -6.15 3.55 -7.99
CA SER A 35 -6.95 3.75 -6.79
C SER A 35 -7.67 2.48 -6.36
N SER A 36 -7.90 1.53 -7.26
CA SER A 36 -8.49 0.26 -6.87
C SER A 36 -7.51 -0.91 -6.98
N ALA A 37 -6.22 -0.64 -7.21
CA ALA A 37 -5.28 -1.74 -7.38
C ALA A 37 -4.90 -2.36 -6.04
N PRO A 38 -4.69 -3.67 -6.00
CA PRO A 38 -4.30 -4.33 -4.75
C PRO A 38 -2.80 -4.25 -4.53
N PRO A 39 -2.36 -4.38 -3.28
CA PRO A 39 -0.91 -4.46 -3.02
C PRO A 39 -0.31 -5.71 -3.64
N GLN A 40 0.97 -5.65 -3.98
CA GLN A 40 1.62 -6.81 -4.58
C GLN A 40 3.05 -6.93 -4.07
N ILE A 41 3.48 -8.15 -3.78
CA ILE A 41 4.90 -8.45 -3.63
C ILE A 41 5.51 -8.51 -5.03
N VAL A 42 6.39 -7.56 -5.35
CA VAL A 42 6.95 -7.50 -6.69
C VAL A 42 8.44 -7.73 -6.69
N ASP A 43 9.04 -8.07 -5.53
CA ASP A 43 10.47 -8.33 -5.54
C ASP A 43 10.87 -9.05 -4.27
N GLU A 44 11.74 -10.04 -4.42
CA GLU A 44 12.31 -10.78 -3.31
C GLU A 44 13.78 -10.37 -3.17
N ILE A 45 14.22 -10.16 -1.93
CA ILE A 45 15.47 -9.46 -1.66
C ILE A 45 16.34 -10.31 -0.74
N THR A 46 17.63 -10.38 -1.05
CA THR A 46 18.61 -10.97 -0.15
C THR A 46 19.71 -9.94 0.09
N VAL A 47 20.09 -9.77 1.36
CA VAL A 47 21.12 -8.80 1.76
C VAL A 47 22.11 -9.51 2.66
N THR A 48 23.40 -9.28 2.42
CA THR A 48 24.46 -9.80 3.28
C THR A 48 25.09 -8.65 4.05
N SER A 49 25.07 -8.74 5.38
CA SER A 49 25.75 -7.77 6.23
C SER A 49 27.27 -7.86 6.09
N ALA A 50 27.93 -6.74 6.44
CA ALA A 50 29.36 -6.76 6.66
C ALA A 50 29.77 -7.79 7.69
N THR A 51 28.88 -8.07 8.67
CA THR A 51 29.11 -9.16 9.62
C THR A 51 29.00 -10.53 8.96
N GLY A 52 28.42 -10.61 7.76
CA GLY A 52 28.20 -11.87 7.07
C GLY A 52 26.84 -12.49 7.28
N LYS A 53 26.01 -11.92 8.16
CA LYS A 53 24.64 -12.39 8.30
C LYS A 53 23.85 -12.12 7.02
N VAL A 54 23.14 -13.14 6.56
CA VAL A 54 22.29 -13.09 5.37
C VAL A 54 20.84 -12.95 5.81
N ILE A 55 20.15 -11.90 5.34
CA ILE A 55 18.72 -11.73 5.61
C ILE A 55 17.96 -11.72 4.29
N HIS A 56 16.64 -11.84 4.39
CA HIS A 56 15.77 -11.94 3.24
C HIS A 56 14.58 -11.02 3.42
N GLY A 57 14.06 -10.50 2.31
CA GLY A 57 13.02 -9.50 2.43
C GLY A 57 12.20 -9.45 1.16
N ARG A 58 11.14 -8.64 1.20
CA ARG A 58 10.17 -8.54 0.11
C ARG A 58 9.77 -7.09 -0.09
N TYR A 59 9.73 -6.64 -1.34
CA TYR A 59 9.24 -5.30 -1.63
C TYR A 59 7.75 -5.40 -1.97
N ILE A 60 6.93 -4.57 -1.30
CA ILE A 60 5.49 -4.52 -1.50
C ILE A 60 5.12 -3.19 -2.12
N GLU A 61 4.51 -3.23 -3.30
CA GLU A 61 4.01 -2.02 -3.96
C GLU A 61 2.63 -1.73 -3.38
N SER A 62 2.51 -0.63 -2.66
CA SER A 62 1.25 -0.20 -2.07
C SER A 62 0.29 0.41 -3.09
N CYS A 63 0.79 0.91 -4.21
CA CYS A 63 0.02 1.58 -5.25
C CYS A 63 -0.51 2.93 -4.82
N PHE A 64 -0.01 3.48 -3.72
CA PHE A 64 -0.28 4.88 -3.42
C PHE A 64 0.44 5.77 -4.41
N LEU A 65 -0.21 6.85 -4.82
CA LEU A 65 0.43 7.85 -5.69
C LEU A 65 0.19 9.22 -5.05
N PRO A 66 1.22 10.06 -4.98
CA PRO A 66 1.02 11.40 -4.40
C PRO A 66 -0.17 12.16 -4.96
N GLU A 67 -0.49 11.97 -6.24
CA GLU A 67 -1.65 12.61 -6.85
C GLU A 67 -2.96 12.29 -6.13
N MET A 68 -3.07 11.14 -5.46
CA MET A 68 -4.24 10.87 -4.63
C MET A 68 -4.48 11.97 -3.59
N LEU A 69 -3.41 12.47 -2.96
CA LEU A 69 -3.62 13.49 -1.92
C LEU A 69 -4.13 14.79 -2.53
N ALA A 70 -3.46 15.28 -3.58
CA ALA A 70 -3.92 16.49 -4.26
C ALA A 70 -5.30 16.30 -4.86
N ALA A 71 -5.60 15.11 -5.40
CA ALA A 71 -6.98 14.91 -5.82
C ALA A 71 -7.96 14.64 -4.62
N ARG A 72 -7.55 14.85 -3.38
CA ARG A 72 -8.39 14.70 -2.20
C ARG A 72 -8.97 13.29 -2.07
N ARG A 73 -8.27 12.29 -2.61
CA ARG A 73 -8.70 10.90 -2.50
C ARG A 73 -8.14 10.32 -1.20
N PHE A 74 -8.60 10.91 -0.09
CA PHE A 74 -8.03 10.58 1.21
C PHE A 74 -8.38 9.17 1.63
N LYS A 75 -9.60 8.70 1.33
CA LYS A 75 -9.96 7.34 1.70
C LYS A 75 -9.25 6.33 0.81
N THR A 76 -9.04 6.67 -0.46
CA THR A 76 -8.21 5.83 -1.32
C THR A 76 -6.82 5.67 -0.75
N ALA A 77 -6.20 6.79 -0.36
CA ALA A 77 -4.84 6.74 0.15
C ALA A 77 -4.78 5.94 1.43
N THR A 78 -5.79 6.10 2.28
CA THR A 78 -5.89 5.31 3.51
C THR A 78 -5.96 3.82 3.22
N ARG A 79 -6.73 3.42 2.20
CA ARG A 79 -6.84 2.00 1.88
C ARG A 79 -5.51 1.44 1.32
N LYS A 80 -4.81 2.23 0.51
CA LYS A 80 -3.54 1.75 -0.03
C LYS A 80 -2.61 1.31 1.09
N VAL A 81 -2.55 2.09 2.16
CA VAL A 81 -1.64 1.80 3.25
C VAL A 81 -2.12 0.60 4.07
N LEU A 82 -3.40 0.62 4.49
CA LEU A 82 -3.94 -0.51 5.26
C LEU A 82 -3.85 -1.82 4.46
N ASN A 83 -4.18 -1.77 3.18
CA ASN A 83 -4.12 -2.99 2.37
C ASN A 83 -2.70 -3.51 2.27
N ALA A 84 -1.73 -2.59 2.10
CA ALA A 84 -0.34 -2.99 2.03
C ALA A 84 0.14 -3.60 3.34
N MET A 85 -0.21 -2.98 4.48
CA MET A 85 0.21 -3.54 5.76
C MET A 85 -0.46 -4.87 6.04
N SER A 86 -1.76 -4.98 5.74
CA SER A 86 -2.42 -6.28 5.84
C SER A 86 -1.71 -7.32 4.98
N HIS A 87 -1.30 -6.92 3.78
CA HIS A 87 -0.63 -7.84 2.86
C HIS A 87 0.70 -8.31 3.43
N ALA A 88 1.47 -7.40 4.04
CA ALA A 88 2.73 -7.82 4.64
C ALA A 88 2.49 -8.84 5.74
N GLN A 89 1.48 -8.58 6.57
CA GLN A 89 1.19 -9.46 7.68
C GLN A 89 0.73 -10.83 7.18
N LYS A 90 -0.16 -10.86 6.19
CA LYS A 90 -0.66 -12.15 5.68
C LYS A 90 0.47 -12.99 5.13
N HIS A 91 1.55 -12.36 4.67
CA HIS A 91 2.67 -13.11 4.13
C HIS A 91 3.73 -13.38 5.17
N GLY A 92 3.42 -13.13 6.45
CA GLY A 92 4.31 -13.51 7.52
C GLY A 92 5.57 -12.68 7.61
N ILE A 93 5.55 -11.44 7.13
CA ILE A 93 6.75 -10.60 7.21
C ILE A 93 6.89 -10.08 8.63
N ASP A 94 8.10 -10.20 9.19
CA ASP A 94 8.32 -9.86 10.59
C ASP A 94 8.43 -8.35 10.82
N ILE A 95 9.11 -7.64 9.93
CA ILE A 95 9.34 -6.22 10.15
C ILE A 95 9.36 -5.52 8.80
N SER A 96 8.45 -4.57 8.61
CA SER A 96 8.27 -3.89 7.33
C SER A 96 8.39 -2.39 7.50
N ALA A 97 9.14 -1.74 6.59
CA ALA A 97 9.27 -0.27 6.61
C ALA A 97 8.10 0.36 5.85
N LEU A 98 7.51 1.39 6.43
CA LEU A 98 6.44 2.13 5.78
C LEU A 98 7.09 3.29 5.04
N GLY A 99 7.43 3.05 3.76
CA GLY A 99 8.24 3.98 3.03
C GLY A 99 7.47 5.21 2.60
N GLY A 100 8.19 6.34 2.56
CA GLY A 100 7.66 7.56 1.99
C GLY A 100 6.36 7.97 2.66
N PHE A 101 5.39 8.32 1.84
CA PHE A 101 4.13 8.79 2.40
C PHE A 101 3.31 7.70 3.08
N THR A 102 3.64 6.41 2.97
CA THR A 102 2.77 5.43 3.63
C THR A 102 2.76 5.65 5.15
N SER A 103 3.89 6.05 5.73
CA SER A 103 3.87 6.32 7.18
C SER A 103 3.22 7.66 7.47
N ILE A 104 3.34 8.63 6.58
CA ILE A 104 2.70 9.93 6.76
C ILE A 104 1.19 9.79 6.73
N ILE A 105 0.68 9.03 5.76
CA ILE A 105 -0.76 8.73 5.73
C ILE A 105 -1.17 8.03 7.01
N PHE A 106 -0.38 7.05 7.45
CA PHE A 106 -0.72 6.32 8.66
C PHE A 106 -0.96 7.26 9.84
N GLU A 107 -0.05 8.21 10.05
CA GLU A 107 -0.20 9.14 11.17
C GLU A 107 -1.30 10.15 10.91
N ASN A 108 -1.34 10.74 9.71
CA ASN A 108 -2.19 11.92 9.50
C ASN A 108 -3.66 11.54 9.48
N PHE A 109 -3.98 10.30 9.12
CA PHE A 109 -5.37 9.86 9.07
C PHE A 109 -5.68 8.86 10.17
N ASP A 110 -4.92 8.89 11.27
CA ASP A 110 -5.15 8.03 12.43
C ASP A 110 -5.47 6.59 12.01
N LEU A 111 -4.57 6.01 11.20
CA LEU A 111 -4.84 4.64 10.75
C LEU A 111 -4.73 3.63 11.89
N ALA A 112 -4.14 4.01 13.02
CA ALA A 112 -4.04 3.12 14.17
C ALA A 112 -5.42 2.66 14.65
N SER A 113 -6.44 3.51 14.52
CA SER A 113 -7.79 3.13 14.90
C SER A 113 -8.49 2.29 13.83
N LEU A 114 -7.84 2.03 12.71
CA LEU A 114 -8.40 1.19 11.66
C LEU A 114 -7.60 -0.10 11.50
N ARG A 115 -7.00 -0.59 12.59
CA ARG A 115 -6.18 -1.79 12.49
C ARG A 115 -6.96 -3.03 12.08
N GLN A 116 -8.30 -2.96 12.05
CA GLN A 116 -9.13 -4.08 11.65
C GLN A 116 -9.32 -4.02 10.14
N VAL A 117 -8.58 -4.83 9.42
CA VAL A 117 -8.53 -4.77 7.97
C VAL A 117 -8.99 -6.14 7.46
N ARG A 118 -10.27 -6.24 7.11
CA ARG A 118 -10.90 -7.49 6.65
C ARG A 118 -10.67 -8.58 7.69
N ASP A 119 -10.00 -9.68 7.38
CA ASP A 119 -9.75 -10.70 8.39
C ASP A 119 -8.81 -10.18 9.47
N THR A 120 -7.83 -9.37 9.07
CA THR A 120 -6.63 -9.14 9.85
C THR A 120 -6.80 -8.01 10.86
N THR A 121 -6.16 -8.18 12.01
CA THR A 121 -5.90 -7.09 12.94
C THR A 121 -4.43 -6.74 12.84
N LEU A 122 -4.14 -5.52 12.43
CA LEU A 122 -2.76 -5.14 12.22
C LEU A 122 -1.98 -5.20 13.52
N GLU A 123 -0.78 -5.75 13.47
CA GLU A 123 0.14 -5.83 14.59
C GLU A 123 1.24 -4.78 14.38
N PHE A 124 1.15 -3.68 15.11
CA PHE A 124 2.02 -2.55 14.82
C PHE A 124 3.49 -2.83 15.13
N GLU A 125 3.79 -3.82 15.96
CA GLU A 125 5.21 -4.08 16.18
C GLU A 125 5.87 -4.77 14.99
N ARG A 126 5.11 -5.09 13.94
CA ARG A 126 5.66 -5.66 12.73
C ARG A 126 6.02 -4.60 11.68
N PHE A 127 5.93 -3.33 12.04
CA PHE A 127 6.14 -2.23 11.12
C PHE A 127 7.03 -1.17 11.75
N THR A 128 7.80 -0.49 10.93
CA THR A 128 8.55 0.67 11.36
C THR A 128 8.40 1.73 10.28
N THR A 129 8.47 3.00 10.69
CA THR A 129 8.51 4.06 9.70
C THR A 129 9.88 4.18 9.07
N GLY A 130 10.91 3.63 9.71
CA GLY A 130 12.26 3.78 9.22
C GLY A 130 12.83 5.17 9.44
N ASN A 131 12.09 6.05 10.13
CA ASN A 131 12.46 7.46 10.23
C ASN A 131 13.63 7.70 11.17
N THR A 132 13.85 6.83 12.16
CA THR A 132 15.01 7.05 13.04
C THR A 132 16.30 6.96 12.23
N HIS A 133 16.44 5.91 11.42
CA HIS A 133 17.63 5.78 10.59
C HIS A 133 17.74 6.93 9.59
N THR A 134 16.62 7.34 9.01
CA THR A 134 16.63 8.42 8.03
C THR A 134 17.19 9.70 8.63
N ALA A 135 16.67 10.08 9.80
CA ALA A 135 17.12 11.31 10.46
C ALA A 135 18.58 11.21 10.85
N TYR A 136 19.02 10.04 11.33
CA TYR A 136 20.44 9.83 11.63
C TYR A 136 21.29 10.02 10.38
N VAL A 137 20.88 9.41 9.27
CA VAL A 137 21.64 9.51 8.03
C VAL A 137 21.71 10.95 7.56
N ILE A 138 20.57 11.66 7.61
CA ILE A 138 20.57 13.04 7.16
C ILE A 138 21.50 13.89 8.04
N CYS A 139 21.54 13.59 9.34
CA CYS A 139 22.43 14.34 10.21
C CYS A 139 23.89 14.09 9.87
N ARG A 140 24.25 12.82 9.62
CA ARG A 140 25.61 12.50 9.17
C ARG A 140 25.93 13.17 7.85
N GLN A 141 24.92 13.36 6.98
CA GLN A 141 25.17 14.00 5.69
C GLN A 141 25.45 15.49 5.84
N VAL A 142 24.71 16.17 6.72
CA VAL A 142 25.04 17.55 7.08
C VAL A 142 26.48 17.64 7.59
N GLU A 143 26.83 16.77 8.54
CA GLU A 143 28.17 16.77 9.11
C GLU A 143 29.24 16.59 8.03
N ALA A 144 29.07 15.59 7.17
CA ALA A 144 30.08 15.28 6.16
C ALA A 144 30.15 16.34 5.06
N ALA A 145 29.00 16.85 4.64
CA ALA A 145 28.99 17.90 3.62
C ALA A 145 29.73 19.14 4.13
N ALA A 146 29.46 19.53 5.38
CA ALA A 146 30.12 20.69 5.97
C ALA A 146 31.64 20.52 5.91
N LYS A 147 32.12 19.33 6.30
CA LYS A 147 33.58 19.09 6.26
C LYS A 147 34.12 19.06 4.85
N THR A 148 33.38 18.46 3.91
CA THR A 148 33.84 18.36 2.53
C THR A 148 34.04 19.72 1.87
N LEU A 149 33.19 20.68 2.21
CA LEU A 149 33.18 21.98 1.57
C LEU A 149 33.90 23.03 2.42
N GLY A 150 34.53 22.61 3.50
CA GLY A 150 35.22 23.52 4.38
C GLY A 150 34.31 24.49 5.09
N ILE A 151 33.10 24.05 5.46
CA ILE A 151 32.18 24.88 6.22
C ILE A 151 32.23 24.43 7.67
N ASP A 152 32.23 25.41 8.57
CA ASP A 152 32.24 25.16 10.01
C ASP A 152 30.79 25.08 10.48
N ILE A 153 30.32 23.87 10.75
CA ILE A 153 28.91 23.67 11.10
C ILE A 153 28.58 24.39 12.41
N THR A 154 29.55 24.53 13.30
CA THR A 154 29.28 25.20 14.58
C THR A 154 29.03 26.67 14.39
N GLN A 155 29.40 27.25 13.25
N GLN A 155 29.41 27.25 13.26
CA GLN A 155 29.15 28.66 12.98
CA GLN A 155 29.18 28.65 12.95
C GLN A 155 28.20 28.86 11.81
C GLN A 155 28.15 28.87 11.85
N ALA A 156 27.52 27.81 11.36
CA ALA A 156 26.64 27.90 10.20
C ALA A 156 25.17 27.87 10.62
N THR A 157 24.32 28.31 9.71
CA THR A 157 22.87 28.26 9.87
C THR A 157 22.29 27.10 9.05
N VAL A 158 21.45 26.28 9.68
CA VAL A 158 20.78 25.15 9.04
C VAL A 158 19.27 25.38 9.13
N ALA A 159 18.64 25.54 7.98
CA ALA A 159 17.18 25.55 7.92
C ALA A 159 16.68 24.12 7.73
N VAL A 160 15.73 23.71 8.56
CA VAL A 160 15.08 22.42 8.43
C VAL A 160 13.66 22.64 7.94
N VAL A 161 13.38 22.29 6.68
CA VAL A 161 12.04 22.43 6.11
C VAL A 161 11.23 21.18 6.45
N GLY A 162 10.18 21.33 7.25
CA GLY A 162 9.52 20.21 7.89
C GLY A 162 10.14 19.92 9.24
N ALA A 163 10.57 21.00 9.90
CA ALA A 163 11.28 20.89 11.17
C ALA A 163 10.45 20.19 12.23
N THR A 164 9.14 20.42 12.27
CA THR A 164 8.30 19.76 13.25
C THR A 164 7.91 18.34 12.86
N GLY A 165 8.32 17.87 11.68
CA GLY A 165 7.97 16.53 11.26
C GLY A 165 8.63 15.47 12.10
N ASP A 166 8.23 14.22 11.88
CA ASP A 166 8.88 13.13 12.59
C ASP A 166 10.39 13.13 12.33
N ILE A 167 10.78 13.14 11.05
CA ILE A 167 12.21 13.16 10.72
C ILE A 167 12.81 14.50 11.08
N GLY A 168 12.11 15.58 10.71
CA GLY A 168 12.65 16.91 10.93
C GLY A 168 12.94 17.19 12.39
N SER A 169 12.02 16.82 13.28
CA SER A 169 12.23 17.07 14.70
C SER A 169 13.44 16.32 15.22
N ALA A 170 13.67 15.11 14.70
CA ALA A 170 14.82 14.34 15.11
C ALA A 170 16.12 14.94 14.59
N VAL A 171 16.13 15.35 13.33
CA VAL A 171 17.26 16.08 12.77
C VAL A 171 17.61 17.28 13.65
N CYS A 172 16.62 18.12 13.96
CA CYS A 172 16.82 19.25 14.86
C CYS A 172 17.49 18.84 16.16
N ARG A 173 16.94 17.82 16.85
CA ARG A 173 17.51 17.41 18.14
C ARG A 173 18.97 17.03 18.00
N TRP A 174 19.31 16.28 16.96
CA TRP A 174 20.69 15.84 16.76
C TRP A 174 21.59 16.99 16.33
N LEU A 175 21.13 17.82 15.38
CA LEU A 175 21.94 18.96 14.93
C LEU A 175 22.25 19.90 16.10
N ASP A 176 21.28 20.05 17.00
CA ASP A 176 21.47 20.79 18.24
C ASP A 176 22.50 20.11 19.15
N LEU A 177 22.16 18.95 19.72
CA LEU A 177 22.94 18.42 20.84
C LEU A 177 24.15 17.57 20.44
N LYS A 178 24.20 17.03 19.22
CA LYS A 178 25.33 16.20 18.82
C LYS A 178 26.33 16.91 17.92
N LEU A 179 25.85 17.79 17.04
CA LEU A 179 26.71 18.50 16.13
C LEU A 179 27.00 19.93 16.54
N GLY A 180 26.12 20.55 17.33
CA GLY A 180 26.36 21.90 17.80
C GLY A 180 26.24 22.96 16.72
N VAL A 181 25.21 22.84 15.88
CA VAL A 181 24.99 23.80 14.81
C VAL A 181 24.89 25.21 15.37
N GLY A 182 25.47 26.17 14.65
CA GLY A 182 25.42 27.57 15.05
C GLY A 182 24.01 28.09 15.25
N ASP A 183 23.22 28.12 14.18
CA ASP A 183 21.85 28.59 14.21
C ASP A 183 20.94 27.56 13.56
N LEU A 184 19.75 27.42 14.10
CA LEU A 184 18.75 26.49 13.60
C LEU A 184 17.54 27.30 13.16
N ILE A 185 17.14 27.17 11.89
CA ILE A 185 15.91 27.79 11.41
C ILE A 185 14.83 26.71 11.31
N LEU A 186 13.78 26.88 12.09
CA LEU A 186 12.70 25.91 12.18
C LEU A 186 11.61 26.35 11.20
N THR A 187 11.32 25.56 10.18
CA THR A 187 10.33 25.89 9.17
C THR A 187 9.32 24.78 8.95
N ALA A 188 8.10 25.16 9.31
CA ALA A 188 6.91 24.34 9.29
C ALA A 188 5.67 25.24 9.16
N ARG A 189 4.58 24.67 8.69
CA ARG A 189 3.31 25.34 8.59
C ARG A 189 2.48 25.63 9.83
N ASN A 190 2.35 24.63 10.67
CA ASN A 190 1.52 24.73 11.86
C ASN A 190 2.30 25.40 12.99
N GLN A 191 1.76 26.51 13.48
CA GLN A 191 2.50 27.35 14.42
C GLN A 191 2.66 26.71 15.79
N GLU A 192 1.65 25.97 16.26
CA GLU A 192 1.72 25.40 17.60
C GLU A 192 2.84 24.38 17.72
N ARG A 193 2.95 23.47 16.75
CA ARG A 193 4.06 22.52 16.74
C ARG A 193 5.41 23.23 16.59
N LEU A 194 5.46 24.31 15.82
CA LEU A 194 6.71 25.07 15.73
C LEU A 194 7.07 25.68 17.10
N ASP A 195 6.11 26.32 17.75
CA ASP A 195 6.35 26.85 19.09
C ASP A 195 6.81 25.76 20.05
N ASN A 196 6.22 24.56 19.95
CA ASN A 196 6.57 23.50 20.89
C ASN A 196 7.96 22.96 20.64
N LEU A 197 8.36 22.86 19.37
CA LEU A 197 9.71 22.36 19.08
C LEU A 197 10.76 23.37 19.54
N GLN A 198 10.49 24.66 19.31
CA GLN A 198 11.40 25.71 19.75
C GLN A 198 11.60 25.66 21.26
N ALA A 199 10.49 25.56 22.00
CA ALA A 199 10.55 25.38 23.45
C ALA A 199 11.35 24.14 23.83
N GLU A 200 11.09 23.01 23.16
CA GLU A 200 11.79 21.77 23.51
C GLU A 200 13.29 21.92 23.32
N LEU A 201 13.71 22.56 22.25
CA LEU A 201 15.13 22.69 21.98
C LEU A 201 15.77 23.79 22.83
N GLY A 202 15.00 24.82 23.19
CA GLY A 202 15.59 25.97 23.85
C GLY A 202 16.35 26.87 22.92
N ARG A 203 16.14 26.72 21.61
CA ARG A 203 16.78 27.57 20.61
C ARG A 203 15.96 27.47 19.32
N GLY A 204 16.43 28.15 18.28
CA GLY A 204 15.82 28.09 16.97
C GLY A 204 14.90 29.25 16.67
N LYS A 205 15.06 29.86 15.50
CA LYS A 205 14.16 30.89 15.03
C LYS A 205 13.14 30.28 14.07
N ILE A 206 11.87 30.55 14.31
CA ILE A 206 10.81 30.06 13.44
C ILE A 206 10.64 31.03 12.28
N LEU A 207 10.73 30.53 11.05
CA LEU A 207 10.58 31.39 9.90
C LEU A 207 9.78 30.67 8.82
N PRO A 208 8.85 31.35 8.15
CA PRO A 208 8.19 30.75 7.00
C PRO A 208 9.23 30.43 5.93
N LEU A 209 8.84 29.53 5.01
CA LEU A 209 9.79 28.98 4.04
C LEU A 209 10.48 30.09 3.26
N GLU A 210 9.72 31.06 2.76
CA GLU A 210 10.28 32.06 1.85
C GLU A 210 11.31 32.95 2.54
N ALA A 211 11.25 33.10 3.87
CA ALA A 211 12.25 33.89 4.58
C ALA A 211 13.39 33.03 5.11
N ALA A 212 13.17 31.72 5.26
CA ALA A 212 14.21 30.87 5.84
C ALA A 212 15.33 30.63 4.83
N LEU A 213 14.99 30.33 3.60
CA LEU A 213 16.00 29.90 2.63
C LEU A 213 17.12 30.92 2.43
N PRO A 214 16.86 32.22 2.27
CA PRO A 214 17.99 33.15 2.03
C PRO A 214 18.95 33.26 3.20
N GLU A 215 18.58 32.78 4.39
CA GLU A 215 19.42 32.84 5.57
C GLU A 215 20.26 31.60 5.80
N ALA A 216 20.06 30.53 5.03
CA ALA A 216 20.55 29.21 5.40
C ALA A 216 21.84 28.88 4.66
N ASP A 217 22.81 28.36 5.40
CA ASP A 217 23.98 27.73 4.76
C ASP A 217 23.68 26.31 4.31
N PHE A 218 22.81 25.63 5.06
CA PHE A 218 22.34 24.28 4.76
C PHE A 218 20.82 24.28 4.80
N ILE A 219 20.18 23.69 3.81
CA ILE A 219 18.74 23.51 3.88
C ILE A 219 18.46 22.03 3.84
N VAL A 220 17.90 21.52 4.93
CA VAL A 220 17.45 20.13 5.02
C VAL A 220 15.95 20.10 4.67
N TRP A 221 15.61 19.40 3.59
CA TRP A 221 14.22 19.27 3.15
C TRP A 221 13.66 17.94 3.62
N VAL A 222 12.78 17.98 4.62
CA VAL A 222 12.09 16.79 5.09
C VAL A 222 10.60 17.10 5.29
N ALA A 223 10.00 17.75 4.29
CA ALA A 223 8.59 18.11 4.31
C ALA A 223 7.72 17.04 3.65
N SER A 224 6.47 16.96 4.12
CA SER A 224 5.47 16.08 3.50
C SER A 224 4.78 16.79 2.34
N MET A 225 5.56 17.22 1.36
CA MET A 225 5.01 17.82 0.16
C MET A 225 4.65 16.74 -0.85
N PRO A 226 3.40 16.66 -1.33
CA PRO A 226 3.10 15.67 -2.38
C PRO A 226 3.85 15.95 -3.68
N GLN A 227 4.19 17.21 -3.94
CA GLN A 227 4.64 17.63 -5.26
C GLN A 227 6.08 18.11 -5.30
N GLY A 228 6.44 19.09 -4.49
CA GLY A 228 7.79 19.63 -4.61
C GLY A 228 7.85 20.99 -5.28
N VAL A 229 8.70 21.88 -4.77
CA VAL A 229 8.65 23.30 -5.11
C VAL A 229 9.87 23.71 -5.94
N VAL A 230 9.74 24.84 -6.62
CA VAL A 230 10.77 25.34 -7.51
C VAL A 230 11.48 26.50 -6.80
N ILE A 231 12.70 26.24 -6.34
CA ILE A 231 13.52 27.24 -5.65
C ILE A 231 14.48 27.83 -6.66
N ASP A 232 14.49 29.17 -6.77
CA ASP A 232 15.43 29.81 -7.67
C ASP A 232 16.77 29.97 -6.97
N PRO A 233 17.85 29.52 -7.61
CA PRO A 233 19.19 29.63 -7.01
C PRO A 233 19.52 31.04 -6.55
N ALA A 234 18.97 32.06 -7.22
CA ALA A 234 19.22 33.45 -6.87
C ALA A 234 18.75 33.81 -5.48
N THR A 235 17.86 33.01 -4.88
CA THR A 235 17.38 33.32 -3.53
C THR A 235 18.32 32.86 -2.44
N LEU A 236 19.37 32.11 -2.77
CA LEU A 236 20.14 31.35 -1.79
C LEU A 236 21.52 31.97 -1.55
N LYS A 237 22.01 31.80 -0.33
CA LYS A 237 23.39 32.14 0.01
C LYS A 237 24.37 31.38 -0.88
N GLN A 238 25.62 31.83 -0.86
CA GLN A 238 26.72 31.17 -1.56
C GLN A 238 27.87 31.02 -0.58
N PRO A 239 28.24 29.80 -0.17
CA PRO A 239 27.61 28.54 -0.58
C PRO A 239 26.28 28.22 0.10
N CYS A 240 25.55 27.29 -0.50
CA CYS A 240 24.34 26.75 0.11
C CYS A 240 24.27 25.27 -0.20
N VAL A 241 24.10 24.46 0.83
CA VAL A 241 24.01 23.01 0.70
C VAL A 241 22.56 22.61 0.92
N LEU A 242 21.94 22.09 -0.14
CA LEU A 242 20.55 21.62 -0.11
C LEU A 242 20.55 20.11 0.04
N ILE A 243 20.08 19.62 1.18
CA ILE A 243 19.94 18.19 1.44
C ILE A 243 18.45 17.88 1.32
N ASP A 244 18.06 17.34 0.19
CA ASP A 244 16.66 17.08 -0.14
C ASP A 244 16.37 15.64 0.25
N GLY A 245 15.78 15.45 1.43
CA GLY A 245 15.42 14.13 1.87
C GLY A 245 13.98 13.76 1.57
N GLY A 246 13.28 14.56 0.80
CA GLY A 246 11.86 14.30 0.58
C GLY A 246 11.67 13.15 -0.38
N TYR A 247 10.53 12.43 -0.20
CA TYR A 247 10.08 11.46 -1.18
C TYR A 247 8.57 11.63 -1.31
N PRO A 248 8.10 12.23 -2.41
CA PRO A 248 8.91 12.75 -3.54
C PRO A 248 9.84 13.90 -3.13
N LYS A 249 10.88 14.12 -3.93
CA LYS A 249 11.87 15.16 -3.64
C LYS A 249 11.18 16.49 -3.40
N ASN A 250 11.54 17.15 -2.29
CA ASN A 250 10.98 18.46 -2.00
C ASN A 250 11.38 19.51 -3.03
N LEU A 251 12.45 19.29 -3.80
CA LEU A 251 12.90 20.22 -4.83
C LEU A 251 12.31 19.77 -6.16
N GLY A 252 11.33 20.54 -6.66
CA GLY A 252 10.66 20.14 -7.88
C GLY A 252 11.39 20.49 -9.15
N SER A 253 12.64 20.93 -9.03
CA SER A 253 13.45 21.29 -10.17
C SER A 253 14.90 21.00 -9.82
N LYS A 254 15.74 20.97 -10.85
CA LYS A 254 17.19 20.82 -10.64
C LYS A 254 17.74 22.18 -10.24
N VAL A 255 17.91 22.39 -8.94
CA VAL A 255 18.50 23.63 -8.41
C VAL A 255 20.00 23.55 -8.64
N GLN A 256 20.51 24.37 -9.55
CA GLN A 256 21.96 24.41 -9.75
C GLN A 256 22.43 25.84 -9.95
N GLY A 257 23.64 26.12 -9.47
CA GLY A 257 24.25 27.41 -9.65
C GLY A 257 25.57 27.47 -8.92
N GLU A 258 26.34 28.51 -9.22
CA GLU A 258 27.61 28.73 -8.54
C GLU A 258 27.40 28.75 -7.03
N GLY A 259 28.15 27.92 -6.32
CA GLY A 259 27.99 27.87 -4.88
C GLY A 259 26.79 27.11 -4.37
N ILE A 260 26.10 26.35 -5.21
CA ILE A 260 24.94 25.55 -4.81
C ILE A 260 25.31 24.08 -4.89
N TYR A 261 25.13 23.35 -3.79
CA TYR A 261 25.41 21.92 -3.72
C TYR A 261 24.16 21.18 -3.30
N VAL A 262 23.74 20.19 -4.10
CA VAL A 262 22.54 19.40 -3.87
C VAL A 262 22.95 17.97 -3.55
N LEU A 263 22.30 17.39 -2.55
CA LEU A 263 22.60 16.04 -2.08
C LEU A 263 21.29 15.34 -1.78
N ASN A 264 21.15 14.11 -2.27
N ASN A 264 21.15 14.11 -2.26
CA ASN A 264 19.99 13.30 -1.97
CA ASN A 264 19.98 13.29 -1.97
C ASN A 264 20.03 12.90 -0.49
C ASN A 264 20.01 12.87 -0.51
N GLY A 265 19.11 13.44 0.30
CA GLY A 265 19.12 13.17 1.74
C GLY A 265 18.50 11.83 2.12
N GLY A 266 19.04 11.22 3.18
CA GLY A 266 18.46 10.01 3.72
C GLY A 266 18.65 8.82 2.82
N VAL A 267 19.76 8.79 2.08
CA VAL A 267 20.17 7.69 1.23
C VAL A 267 21.46 7.13 1.80
N VAL A 268 21.53 5.80 1.91
CA VAL A 268 22.76 5.11 2.31
C VAL A 268 23.23 4.27 1.14
N GLU A 269 24.50 3.94 1.17
CA GLU A 269 25.11 3.01 0.23
C GLU A 269 25.62 1.84 1.04
N HIS A 270 25.46 0.63 0.50
CA HIS A 270 25.90 -0.58 1.16
C HIS A 270 27.24 -1.03 0.57
N CYS A 271 27.97 -1.82 1.34
CA CYS A 271 29.28 -2.26 0.86
C CYS A 271 29.18 -3.42 -0.12
N PHE A 272 28.00 -4.05 -0.24
CA PHE A 272 27.77 -5.11 -1.19
C PHE A 272 26.63 -4.73 -2.14
N ASP A 273 26.74 -5.22 -3.37
CA ASP A 273 25.58 -5.19 -4.26
C ASP A 273 24.41 -5.89 -3.58
N ILE A 274 23.21 -5.38 -3.82
CA ILE A 274 21.96 -6.06 -3.47
C ILE A 274 21.30 -6.48 -4.78
N ASP A 275 20.85 -7.73 -4.83
CA ASP A 275 20.16 -8.21 -6.03
C ASP A 275 18.69 -7.80 -5.95
N TRP A 276 18.26 -7.00 -6.92
CA TRP A 276 16.90 -6.45 -7.00
C TRP A 276 16.86 -5.42 -8.12
N GLN A 277 15.69 -4.83 -8.38
CA GLN A 277 15.61 -3.78 -9.38
C GLN A 277 14.65 -2.67 -8.98
N ILE A 278 14.21 -2.65 -7.72
CA ILE A 278 13.36 -1.56 -7.27
C ILE A 278 14.17 -0.27 -7.16
N MET A 279 15.34 -0.32 -6.55
CA MET A 279 16.15 0.89 -6.45
C MET A 279 16.59 1.40 -7.81
N SER A 280 16.62 0.52 -8.82
CA SER A 280 16.82 0.95 -10.20
C SER A 280 15.70 1.86 -10.64
N ALA A 281 14.46 1.39 -10.47
CA ALA A 281 13.30 2.26 -10.62
C ALA A 281 13.44 3.53 -9.78
N ALA A 282 13.82 3.37 -8.50
CA ALA A 282 13.89 4.46 -7.53
C ALA A 282 14.89 5.56 -7.90
N GLU A 283 15.62 5.42 -9.02
CA GLU A 283 16.52 6.46 -9.50
C GLU A 283 17.56 6.80 -8.43
N MET A 284 18.27 5.77 -7.99
CA MET A 284 19.51 6.00 -7.27
C MET A 284 20.62 6.27 -8.27
N ALA A 285 21.76 6.76 -7.77
CA ALA A 285 22.93 6.91 -8.62
C ALA A 285 23.54 5.55 -8.95
N ARG A 286 23.64 4.69 -7.93
CA ARG A 286 24.05 3.30 -8.09
C ARG A 286 22.99 2.43 -7.43
N PRO A 287 21.96 2.03 -8.19
CA PRO A 287 20.81 1.34 -7.60
C PRO A 287 21.12 -0.04 -7.06
N GLU A 288 22.22 -0.65 -7.50
CA GLU A 288 22.61 -1.93 -6.95
C GLU A 288 23.16 -1.80 -5.54
N ARG A 289 23.60 -0.61 -5.13
CA ARG A 289 24.26 -0.35 -3.88
C ARG A 289 23.52 0.60 -2.95
N GLN A 290 22.66 1.46 -3.48
CA GLN A 290 22.13 2.59 -2.74
C GLN A 290 20.64 2.40 -2.48
N MET A 291 20.18 2.96 -1.37
CA MET A 291 18.77 2.82 -1.04
C MET A 291 18.39 3.89 -0.03
N PHE A 292 17.09 4.06 0.14
CA PHE A 292 16.54 4.96 1.14
C PHE A 292 16.82 4.46 2.54
N ALA A 293 17.12 5.40 3.43
CA ALA A 293 17.47 5.05 4.79
C ALA A 293 16.29 4.38 5.52
N CYS A 294 15.06 4.69 5.17
CA CYS A 294 13.94 4.04 5.85
C CYS A 294 13.88 2.56 5.51
N PHE A 295 14.11 2.22 4.24
CA PHE A 295 14.20 0.81 3.86
C PHE A 295 15.38 0.13 4.52
N ALA A 296 16.51 0.83 4.63
CA ALA A 296 17.66 0.26 5.32
C ALA A 296 17.37 0.01 6.79
N GLU A 297 16.47 0.77 7.41
CA GLU A 297 16.15 0.52 8.82
C GLU A 297 15.50 -0.86 9.01
N ALA A 298 14.60 -1.26 8.09
CA ALA A 298 13.99 -2.59 8.19
C ALA A 298 15.05 -3.68 8.03
N MET A 299 16.00 -3.47 7.14
CA MET A 299 17.10 -4.43 7.04
C MET A 299 17.89 -4.47 8.32
N LEU A 300 18.15 -3.30 8.92
CA LEU A 300 18.91 -3.27 10.16
C LEU A 300 18.17 -3.96 11.29
N LEU A 301 16.88 -3.66 11.46
CA LEU A 301 16.10 -4.33 12.50
C LEU A 301 16.17 -5.83 12.33
N GLU A 302 16.09 -6.29 11.08
CA GLU A 302 16.17 -7.72 10.80
C GLU A 302 17.58 -8.25 11.02
N PHE A 303 18.62 -7.49 10.64
CA PHE A 303 19.98 -7.93 10.96
C PHE A 303 20.16 -8.11 12.46
N GLU A 304 19.58 -7.23 13.27
CA GLU A 304 19.74 -7.24 14.72
C GLU A 304 18.73 -8.11 15.44
N GLY A 305 17.71 -8.58 14.75
CA GLY A 305 16.63 -9.26 15.43
C GLY A 305 15.81 -8.36 16.32
N TRP A 306 15.82 -7.05 16.06
CA TRP A 306 14.93 -6.12 16.77
C TRP A 306 13.59 -6.07 16.03
N HIS A 307 12.75 -7.05 16.34
CA HIS A 307 11.46 -7.18 15.66
C HIS A 307 10.43 -6.37 16.43
N THR A 308 10.46 -5.05 16.19
CA THR A 308 9.62 -4.10 16.92
C THR A 308 9.46 -2.85 16.06
N ASN A 309 8.47 -2.02 16.43
CA ASN A 309 8.22 -0.77 15.71
C ASN A 309 9.20 0.29 16.23
N PHE A 310 10.46 0.12 15.80
CA PHE A 310 11.58 0.91 16.32
C PHE A 310 11.35 2.40 16.10
N SER A 311 10.84 2.77 14.92
CA SER A 311 10.40 4.13 14.66
C SER A 311 8.90 4.08 14.49
N TRP A 312 8.18 4.90 15.25
CA TRP A 312 6.72 4.80 15.24
C TRP A 312 6.13 6.13 15.65
N GLY A 313 4.93 6.43 15.12
CA GLY A 313 4.33 7.70 15.48
C GLY A 313 5.16 8.89 15.00
N ARG A 314 4.86 10.05 15.60
CA ARG A 314 5.46 11.31 15.21
C ARG A 314 6.05 12.03 16.43
N ASN A 315 7.23 12.61 16.25
CA ASN A 315 7.91 13.43 17.24
C ASN A 315 8.46 12.60 18.40
N GLN A 316 8.52 11.28 18.25
CA GLN A 316 8.97 10.40 19.33
C GLN A 316 10.40 9.94 19.17
N ILE A 317 11.14 10.42 18.17
CA ILE A 317 12.48 9.91 17.93
C ILE A 317 13.45 10.62 18.86
N THR A 318 14.35 9.87 19.49
CA THR A 318 15.32 10.43 20.42
C THR A 318 16.73 10.27 19.86
N ILE A 319 17.65 11.05 20.44
CA ILE A 319 19.06 10.95 20.08
C ILE A 319 19.59 9.54 20.38
N GLU A 320 19.16 8.95 21.50
CA GLU A 320 19.66 7.62 21.87
C GLU A 320 19.23 6.56 20.85
N LYS A 321 17.98 6.63 20.37
CA LYS A 321 17.54 5.72 19.31
C LYS A 321 18.34 5.96 18.03
N MET A 322 18.60 7.23 17.70
CA MET A 322 19.37 7.52 16.50
C MET A 322 20.78 6.98 16.60
N GLU A 323 21.38 7.02 17.79
CA GLU A 323 22.71 6.47 18.00
C GLU A 323 22.71 4.96 17.84
N ALA A 324 21.73 4.29 18.45
CA ALA A 324 21.63 2.83 18.33
C ALA A 324 21.47 2.38 16.88
N ILE A 325 20.54 2.97 16.14
CA ILE A 325 20.39 2.56 14.74
C ILE A 325 21.61 2.98 13.93
N GLY A 326 22.25 4.09 14.30
CA GLY A 326 23.44 4.54 13.57
C GLY A 326 24.61 3.60 13.73
N GLU A 327 24.91 3.20 14.98
CA GLU A 327 25.93 2.18 15.22
C GLU A 327 25.66 0.91 14.42
N ALA A 328 24.41 0.46 14.39
CA ALA A 328 24.11 -0.74 13.63
C ALA A 328 24.30 -0.49 12.13
N SER A 329 23.86 0.67 11.65
CA SER A 329 24.03 1.04 10.25
C SER A 329 25.49 0.91 9.81
N VAL A 330 26.41 1.48 10.59
CA VAL A 330 27.83 1.36 10.26
C VAL A 330 28.29 -0.10 10.32
N ARG A 331 27.90 -0.82 11.38
CA ARG A 331 28.41 -2.18 11.61
C ARG A 331 27.98 -3.13 10.50
N HIS A 332 26.78 -2.97 9.98
CA HIS A 332 26.32 -3.89 8.95
C HIS A 332 26.74 -3.45 7.55
N GLY A 333 27.49 -2.36 7.43
CA GLY A 333 28.08 -2.00 6.15
C GLY A 333 27.48 -0.81 5.44
N PHE A 334 26.56 -0.07 6.06
CA PHE A 334 25.92 1.05 5.38
C PHE A 334 26.71 2.34 5.64
N GLN A 335 26.73 3.22 4.65
CA GLN A 335 27.35 4.53 4.80
C GLN A 335 26.46 5.59 4.17
N PRO A 336 26.35 6.76 4.80
CA PRO A 336 25.57 7.86 4.21
C PRO A 336 26.06 8.20 2.81
N LEU A 337 25.12 8.45 1.91
CA LEU A 337 25.47 9.00 0.60
C LEU A 337 26.16 10.35 0.75
N ALA A 338 27.28 10.54 0.06
CA ALA A 338 28.05 11.78 0.16
C ALA A 338 27.87 12.61 -1.09
N LEU A 339 28.26 13.86 -0.99
CA LEU A 339 28.26 14.76 -2.14
C LEU A 339 29.06 14.18 -3.29
N ALA A 340 28.51 14.29 -4.48
CA ALA A 340 29.27 13.97 -5.68
C ALA A 340 30.07 15.18 -6.10
N ILE A 341 31.33 14.97 -6.45
CA ILE A 341 32.17 16.04 -6.98
C ILE A 341 32.77 15.55 -8.30
N GLU A 342 33.49 16.46 -8.96
CA GLU A 342 34.14 16.21 -10.26
C GLU A 342 33.14 15.69 -11.29
N ASP B 34 -29.06 8.90 8.07
CA ASP B 34 -28.96 7.92 6.99
C ASP B 34 -30.31 7.30 6.69
N PHE B 35 -31.28 8.13 6.26
CA PHE B 35 -32.64 7.69 6.00
C PHE B 35 -32.66 6.56 4.98
N GLN B 36 -32.96 5.35 5.44
CA GLN B 36 -32.95 4.17 4.58
C GLN B 36 -34.30 3.95 3.91
N SER B 37 -34.99 5.03 3.55
CA SER B 37 -36.26 4.94 2.84
C SER B 37 -36.20 5.75 1.54
N GLU B 38 -37.21 5.53 0.71
CA GLU B 38 -37.32 6.04 -0.65
C GLU B 38 -36.30 5.36 -1.55
N SER B 39 -35.42 6.12 -2.22
CA SER B 39 -34.59 5.51 -3.28
C SER B 39 -33.66 4.43 -2.75
N TYR B 40 -33.29 4.50 -1.46
CA TYR B 40 -32.53 3.41 -0.85
C TYR B 40 -33.23 2.08 -1.08
N LYS B 41 -34.54 2.04 -0.82
CA LYS B 41 -35.31 0.81 -1.05
C LYS B 41 -35.38 0.48 -2.55
N ASP B 42 -35.45 1.50 -3.40
CA ASP B 42 -35.42 1.28 -4.84
C ASP B 42 -34.09 0.65 -5.28
N ALA B 43 -32.98 1.30 -4.94
CA ALA B 43 -31.67 0.69 -5.16
C ALA B 43 -31.60 -0.68 -4.52
N TYR B 44 -31.95 -0.75 -3.22
CA TYR B 44 -32.02 -2.02 -2.52
C TYR B 44 -32.94 -3.02 -3.21
N SER B 45 -33.88 -2.55 -4.03
CA SER B 45 -34.84 -3.47 -4.64
C SER B 45 -34.14 -4.45 -5.58
N ARG B 46 -33.11 -4.01 -6.28
CA ARG B 46 -32.40 -4.89 -7.19
C ARG B 46 -31.01 -5.32 -6.71
N ILE B 47 -30.42 -4.60 -5.76
CA ILE B 47 -29.21 -5.10 -5.11
C ILE B 47 -29.54 -6.34 -4.29
N ASN B 48 -30.59 -6.25 -3.47
CA ASN B 48 -31.06 -7.42 -2.72
C ASN B 48 -31.38 -8.58 -3.65
N ALA B 49 -31.98 -8.29 -4.81
CA ALA B 49 -32.27 -9.32 -5.80
C ALA B 49 -31.00 -10.04 -6.25
N ILE B 50 -29.98 -9.28 -6.59
CA ILE B 50 -28.72 -9.84 -7.08
C ILE B 50 -28.10 -10.77 -6.04
N VAL B 51 -28.14 -10.38 -4.77
CA VAL B 51 -27.57 -11.21 -3.72
C VAL B 51 -28.35 -12.49 -3.54
N ILE B 52 -29.68 -12.43 -3.64
CA ILE B 52 -30.51 -13.64 -3.59
C ILE B 52 -30.13 -14.58 -4.73
N GLU B 53 -30.23 -14.07 -5.97
CA GLU B 53 -29.95 -14.91 -7.13
C GLU B 53 -28.51 -15.41 -7.13
N GLY B 54 -27.58 -14.59 -6.63
CA GLY B 54 -26.21 -15.04 -6.53
C GLY B 54 -26.07 -16.20 -5.57
N GLU B 55 -26.67 -16.07 -4.38
CA GLU B 55 -26.66 -17.18 -3.44
C GLU B 55 -27.36 -18.40 -4.01
N GLN B 56 -28.40 -18.19 -4.83
CA GLN B 56 -29.02 -19.30 -5.55
C GLN B 56 -28.03 -19.94 -6.52
N GLU B 57 -27.35 -19.12 -7.33
CA GLU B 57 -26.47 -19.65 -8.36
C GLU B 57 -25.38 -20.51 -7.74
N ALA B 58 -24.82 -20.07 -6.62
CA ALA B 58 -23.79 -20.85 -5.96
C ALA B 58 -24.34 -22.15 -5.40
N PHE B 59 -25.60 -22.15 -4.94
CA PHE B 59 -26.23 -23.40 -4.51
C PHE B 59 -26.28 -24.40 -5.65
N ASP B 60 -26.91 -24.01 -6.77
CA ASP B 60 -26.93 -24.86 -7.96
C ASP B 60 -25.53 -25.29 -8.37
N ASN B 61 -24.63 -24.30 -8.55
CA ASN B 61 -23.30 -24.59 -9.06
C ASN B 61 -22.56 -25.57 -8.17
N TYR B 62 -22.74 -25.47 -6.85
CA TYR B 62 -22.04 -26.40 -5.96
C TYR B 62 -22.67 -27.79 -6.02
N ASN B 63 -23.98 -27.87 -6.29
CA ASN B 63 -24.58 -29.19 -6.42
C ASN B 63 -24.13 -29.87 -7.71
N ARG B 64 -24.00 -29.09 -8.80
CA ARG B 64 -23.53 -29.71 -10.04
C ARG B 64 -22.05 -30.06 -9.99
N LEU B 65 -21.25 -29.23 -9.31
CA LEU B 65 -19.85 -29.59 -9.06
C LEU B 65 -19.75 -30.90 -8.31
N ALA B 66 -20.67 -31.15 -7.37
CA ALA B 66 -20.78 -32.48 -6.81
C ALA B 66 -20.89 -33.51 -7.92
N GLU B 67 -22.01 -33.48 -8.66
CA GLU B 67 -22.19 -34.38 -9.80
C GLU B 67 -20.93 -34.52 -10.66
N MET B 68 -20.07 -33.50 -10.67
CA MET B 68 -18.86 -33.54 -11.49
C MET B 68 -17.66 -34.20 -10.81
N LEU B 69 -17.47 -34.04 -9.50
CA LEU B 69 -16.30 -34.61 -8.83
C LEU B 69 -16.69 -35.69 -7.82
N PRO B 70 -16.67 -36.97 -8.22
CA PRO B 70 -17.23 -38.06 -7.39
C PRO B 70 -16.71 -38.18 -5.96
N ASP B 71 -15.40 -38.36 -5.75
CA ASP B 71 -14.86 -38.59 -4.41
C ASP B 71 -15.00 -37.39 -3.49
N GLN B 72 -15.81 -36.39 -3.89
CA GLN B 72 -15.96 -35.17 -3.11
C GLN B 72 -17.39 -34.61 -3.09
N ARG B 73 -18.42 -35.39 -3.48
CA ARG B 73 -19.81 -34.88 -3.41
C ARG B 73 -20.20 -34.44 -2.03
N ASP B 74 -19.79 -35.21 -1.01
CA ASP B 74 -20.26 -34.93 0.35
C ASP B 74 -19.84 -33.52 0.78
N GLU B 75 -18.56 -33.20 0.59
CA GLU B 75 -18.07 -31.88 0.94
C GLU B 75 -18.77 -30.79 0.13
N LEU B 76 -18.94 -31.02 -1.18
CA LEU B 76 -19.59 -30.04 -2.04
C LEU B 76 -21.05 -29.86 -1.70
N HIS B 77 -21.71 -30.88 -1.14
CA HIS B 77 -23.10 -30.74 -0.73
C HIS B 77 -23.21 -29.90 0.54
N LYS B 78 -22.25 -30.06 1.45
CA LYS B 78 -22.23 -29.21 2.65
C LYS B 78 -22.04 -27.75 2.28
N LEU B 79 -21.09 -27.46 1.38
CA LEU B 79 -20.90 -26.07 0.93
C LEU B 79 -22.12 -25.57 0.17
N ALA B 80 -22.76 -26.45 -0.60
CA ALA B 80 -23.99 -26.08 -1.29
C ALA B 80 -25.09 -25.75 -0.30
N LYS B 81 -25.13 -26.46 0.82
CA LYS B 81 -26.13 -26.21 1.85
C LYS B 81 -25.87 -24.88 2.55
N MET B 82 -24.59 -24.59 2.83
CA MET B 82 -24.23 -23.28 3.38
C MET B 82 -24.78 -22.14 2.53
N GLU B 83 -24.83 -22.32 1.21
CA GLU B 83 -25.36 -21.30 0.32
C GLU B 83 -26.86 -21.12 0.54
N GLN B 84 -27.59 -22.24 0.61
CA GLN B 84 -28.99 -22.24 1.00
C GLN B 84 -29.26 -21.30 2.17
N ARG B 85 -28.52 -21.48 3.27
CA ARG B 85 -28.76 -20.69 4.47
C ARG B 85 -28.51 -19.20 4.22
N HIS B 86 -27.44 -18.86 3.49
CA HIS B 86 -27.18 -17.45 3.19
C HIS B 86 -28.30 -16.84 2.37
N MET B 87 -28.83 -17.60 1.41
CA MET B 87 -29.93 -17.11 0.59
C MET B 87 -31.13 -16.72 1.44
N LYS B 88 -31.43 -17.53 2.47
CA LYS B 88 -32.57 -17.23 3.33
C LYS B 88 -32.28 -16.02 4.21
N GLY B 89 -31.05 -15.95 4.74
CA GLY B 89 -30.66 -14.78 5.51
C GLY B 89 -30.86 -13.47 4.77
N PHE B 90 -30.59 -13.47 3.47
CA PHE B 90 -30.69 -12.22 2.70
C PHE B 90 -32.11 -11.94 2.21
N MET B 91 -32.99 -12.94 2.16
CA MET B 91 -34.41 -12.65 2.05
C MET B 91 -34.89 -11.84 3.25
N ALA B 92 -34.42 -12.21 4.45
CA ALA B 92 -34.81 -11.52 5.68
C ALA B 92 -34.49 -10.04 5.63
N CYS B 93 -33.31 -9.67 5.10
CA CYS B 93 -32.92 -8.27 5.07
C CYS B 93 -33.86 -7.44 4.21
N GLY B 94 -34.38 -8.02 3.13
CA GLY B 94 -35.40 -7.34 2.34
C GLY B 94 -36.74 -7.30 3.05
N LYS B 95 -37.03 -8.32 3.87
CA LYS B 95 -38.23 -8.35 4.68
C LYS B 95 -38.10 -7.50 5.93
N ASN B 96 -36.88 -7.15 6.34
CA ASN B 96 -36.71 -6.20 7.44
C ASN B 96 -36.91 -4.77 6.97
N LEU B 97 -36.38 -4.43 5.81
CA LEU B 97 -36.74 -3.18 5.17
C LEU B 97 -38.06 -3.42 4.45
N SER B 98 -38.50 -2.45 3.65
CA SER B 98 -39.77 -2.58 2.95
C SER B 98 -39.59 -3.06 1.52
N VAL B 99 -38.82 -4.14 1.36
CA VAL B 99 -38.34 -4.51 0.05
C VAL B 99 -38.63 -5.90 -0.41
N THR B 100 -39.14 -5.91 -1.64
CA THR B 100 -39.45 -7.08 -2.40
C THR B 100 -38.51 -6.89 -3.56
N PRO B 101 -37.63 -7.88 -3.68
CA PRO B 101 -36.55 -7.90 -4.64
C PRO B 101 -37.01 -8.17 -6.06
N ASP B 102 -36.20 -7.73 -7.01
CA ASP B 102 -36.49 -7.94 -8.44
C ASP B 102 -35.72 -9.17 -8.95
N MET B 103 -36.32 -10.35 -8.76
CA MET B 103 -35.68 -11.60 -9.16
C MET B 103 -35.42 -11.68 -10.66
N GLY B 104 -36.17 -10.94 -11.48
CA GLY B 104 -35.97 -10.97 -12.91
C GLY B 104 -34.72 -10.23 -13.34
N PHE B 105 -34.54 -9.02 -12.78
CA PHE B 105 -33.32 -8.26 -13.04
C PHE B 105 -32.08 -9.06 -12.64
N ALA B 106 -32.15 -9.75 -11.50
CA ALA B 106 -31.00 -10.51 -11.02
C ALA B 106 -30.69 -11.71 -11.92
N GLN B 107 -31.72 -12.41 -12.40
CA GLN B 107 -31.50 -13.49 -13.35
C GLN B 107 -30.87 -12.99 -14.64
N LYS B 108 -31.22 -11.77 -15.07
CA LYS B 108 -30.56 -11.15 -16.22
C LYS B 108 -29.12 -10.76 -15.88
N PHE B 109 -28.90 -10.27 -14.66
CA PHE B 109 -27.56 -9.94 -14.17
C PHE B 109 -26.61 -11.12 -14.35
N PHE B 110 -27.04 -12.32 -13.95
CA PHE B 110 -26.17 -13.48 -13.87
C PHE B 110 -26.19 -14.37 -15.12
N GLU B 111 -27.01 -14.05 -16.13
CA GLU B 111 -27.23 -14.99 -17.23
C GLU B 111 -25.94 -15.29 -17.98
N ARG B 112 -25.07 -14.29 -18.16
CA ARG B 112 -23.79 -14.52 -18.81
C ARG B 112 -22.93 -15.49 -17.99
N LEU B 113 -22.79 -15.24 -16.68
CA LEU B 113 -22.08 -16.18 -15.82
C LEU B 113 -22.81 -17.52 -15.75
N HIS B 114 -24.15 -17.48 -15.71
CA HIS B 114 -24.91 -18.74 -15.71
C HIS B 114 -24.60 -19.54 -16.97
N GLU B 115 -24.77 -18.92 -18.15
CA GLU B 115 -24.53 -19.63 -19.41
C GLU B 115 -23.12 -20.18 -19.49
N ASN B 116 -22.12 -19.42 -19.01
CA ASN B 116 -20.75 -19.91 -19.06
C ASN B 116 -20.55 -21.10 -18.13
N PHE B 117 -21.20 -21.07 -16.96
CA PHE B 117 -21.09 -22.21 -16.06
C PHE B 117 -21.89 -23.39 -16.61
N LYS B 118 -23.10 -23.11 -17.11
CA LYS B 118 -23.94 -24.12 -17.75
C LYS B 118 -23.16 -24.85 -18.84
N ALA B 119 -22.49 -24.10 -19.70
CA ALA B 119 -21.79 -24.69 -20.86
C ALA B 119 -20.51 -25.40 -20.47
N ALA B 120 -19.77 -24.93 -19.46
CA ALA B 120 -18.58 -25.65 -19.03
C ALA B 120 -18.96 -26.95 -18.34
N ALA B 121 -20.02 -26.91 -17.55
CA ALA B 121 -20.56 -28.12 -16.95
C ALA B 121 -20.94 -29.12 -18.04
N ALA B 122 -21.83 -28.70 -18.95
CA ALA B 122 -22.27 -29.56 -20.04
C ALA B 122 -21.13 -30.04 -20.93
N GLU B 123 -19.91 -29.54 -20.75
CA GLU B 123 -18.75 -30.09 -21.45
C GLU B 123 -17.79 -30.79 -20.50
N GLY B 124 -18.17 -30.96 -19.24
CA GLY B 124 -17.30 -31.61 -18.27
C GLY B 124 -16.08 -30.82 -17.85
N LYS B 125 -16.03 -29.52 -18.16
CA LYS B 125 -14.85 -28.70 -17.87
C LYS B 125 -14.94 -28.24 -16.41
N VAL B 126 -14.44 -29.09 -15.50
CA VAL B 126 -14.63 -28.82 -14.08
C VAL B 126 -13.76 -27.66 -13.64
N VAL B 127 -12.53 -27.57 -14.15
CA VAL B 127 -11.62 -26.49 -13.80
C VAL B 127 -12.25 -25.14 -14.10
N THR B 128 -12.91 -25.02 -15.25
CA THR B 128 -13.63 -23.80 -15.57
C THR B 128 -14.79 -23.58 -14.62
N CYS B 129 -15.51 -24.64 -14.29
CA CYS B 129 -16.62 -24.55 -13.34
C CYS B 129 -16.15 -24.05 -11.99
N LEU B 130 -15.00 -24.54 -11.52
CA LEU B 130 -14.50 -24.11 -10.22
C LEU B 130 -14.08 -22.64 -10.26
N LEU B 131 -13.33 -22.23 -11.29
CA LEU B 131 -12.95 -20.82 -11.41
C LEU B 131 -14.18 -19.92 -11.38
N ILE B 132 -15.25 -20.32 -12.08
CA ILE B 132 -16.44 -19.44 -12.14
C ILE B 132 -17.08 -19.32 -10.77
N GLN B 133 -17.21 -20.45 -10.07
CA GLN B 133 -17.99 -20.49 -8.84
C GLN B 133 -17.15 -20.18 -7.61
N SER B 134 -16.09 -20.95 -7.38
CA SER B 134 -15.32 -20.80 -6.16
C SER B 134 -14.36 -19.62 -6.22
N LEU B 135 -13.94 -19.18 -7.40
CA LEU B 135 -13.02 -18.05 -7.45
C LEU B 135 -13.82 -16.79 -7.74
N ILE B 136 -14.33 -16.67 -8.96
CA ILE B 136 -15.01 -15.45 -9.38
C ILE B 136 -16.20 -15.14 -8.48
N ILE B 137 -17.15 -16.06 -8.38
CA ILE B 137 -18.39 -15.72 -7.69
C ILE B 137 -18.15 -15.49 -6.21
N GLU B 138 -17.30 -16.31 -5.59
CA GLU B 138 -17.01 -16.14 -4.17
C GLU B 138 -16.34 -14.79 -3.91
N CYS B 139 -15.28 -14.49 -4.66
CA CYS B 139 -14.61 -13.20 -4.49
C CYS B 139 -15.54 -12.03 -4.76
N PHE B 140 -16.46 -12.18 -5.71
CA PHE B 140 -17.51 -11.19 -5.89
C PHE B 140 -18.33 -11.02 -4.62
N ALA B 141 -18.57 -12.13 -3.91
CA ALA B 141 -19.36 -12.05 -2.67
C ALA B 141 -18.54 -11.46 -1.53
N ILE B 142 -17.30 -11.90 -1.38
CA ILE B 142 -16.40 -11.36 -0.36
C ILE B 142 -16.28 -9.84 -0.51
N ALA B 143 -15.99 -9.38 -1.72
CA ALA B 143 -15.93 -7.95 -1.97
C ALA B 143 -17.24 -7.25 -1.64
N ALA B 144 -18.35 -7.81 -2.11
CA ALA B 144 -19.64 -7.16 -1.98
C ALA B 144 -20.04 -7.03 -0.51
N TYR B 145 -19.82 -8.09 0.26
CA TYR B 145 -20.26 -8.10 1.65
C TYR B 145 -19.32 -7.27 2.52
N ASN B 146 -18.00 -7.42 2.33
CA ASN B 146 -17.03 -6.59 3.04
C ASN B 146 -17.39 -5.12 2.94
N ILE B 147 -17.69 -4.65 1.73
CA ILE B 147 -18.04 -3.26 1.52
C ILE B 147 -19.42 -2.93 2.11
N TYR B 148 -20.29 -3.94 2.25
CA TYR B 148 -21.65 -3.72 2.74
C TYR B 148 -21.68 -3.50 4.25
N ILE B 149 -20.97 -4.33 5.00
CA ILE B 149 -20.99 -4.40 6.46
C ILE B 149 -20.82 -3.03 7.13
N PRO B 150 -19.89 -2.17 6.72
CA PRO B 150 -19.76 -0.86 7.39
C PRO B 150 -20.89 0.11 7.11
N VAL B 151 -21.80 -0.17 6.18
CA VAL B 151 -22.84 0.79 5.83
C VAL B 151 -24.21 0.13 5.74
N ALA B 152 -24.36 -1.04 6.33
CA ALA B 152 -25.66 -1.69 6.33
C ALA B 152 -26.56 -1.07 7.41
N ASP B 153 -27.83 -1.45 7.41
CA ASP B 153 -28.60 -1.36 8.63
C ASP B 153 -28.12 -2.44 9.59
N ALA B 154 -28.27 -2.17 10.90
CA ALA B 154 -27.66 -3.05 11.89
C ALA B 154 -28.15 -4.49 11.76
N PHE B 155 -29.40 -4.67 11.36
CA PHE B 155 -29.93 -6.02 11.14
C PHE B 155 -29.20 -6.70 9.99
N ALA B 156 -29.09 -6.01 8.84
CA ALA B 156 -28.37 -6.57 7.70
C ALA B 156 -26.90 -6.77 8.01
N ARG B 157 -26.31 -5.93 8.87
CA ARG B 157 -24.90 -6.06 9.19
C ARG B 157 -24.60 -7.36 9.92
N LYS B 158 -25.41 -7.69 10.92
CA LYS B 158 -25.18 -8.92 11.67
C LYS B 158 -25.25 -10.13 10.76
N ILE B 159 -26.20 -10.12 9.83
CA ILE B 159 -26.37 -11.22 8.89
C ILE B 159 -25.17 -11.32 7.95
N THR B 160 -24.85 -10.22 7.27
CA THR B 160 -23.70 -10.19 6.38
C THR B 160 -22.42 -10.58 7.10
N GLU B 161 -22.27 -10.16 8.36
CA GLU B 161 -21.07 -10.49 9.12
C GLU B 161 -20.86 -12.00 9.21
N GLY B 162 -21.95 -12.76 9.32
CA GLY B 162 -21.84 -14.19 9.41
C GLY B 162 -21.47 -14.84 8.10
N VAL B 163 -22.13 -14.43 7.01
CA VAL B 163 -21.96 -15.12 5.73
C VAL B 163 -20.55 -14.96 5.20
N VAL B 164 -19.87 -13.84 5.51
CA VAL B 164 -18.58 -13.54 4.89
C VAL B 164 -17.54 -14.58 5.27
N ARG B 165 -17.62 -15.12 6.49
CA ARG B 165 -16.61 -16.08 6.88
C ARG B 165 -16.78 -17.39 6.13
N ASP B 166 -18.02 -17.77 5.84
CA ASP B 166 -18.28 -18.98 5.04
C ASP B 166 -17.71 -18.83 3.62
N GLU B 167 -17.81 -17.61 3.05
CA GLU B 167 -17.35 -17.46 1.67
C GLU B 167 -15.85 -17.64 1.56
N TYR B 168 -15.11 -17.26 2.61
CA TYR B 168 -13.67 -17.47 2.62
C TYR B 168 -13.31 -18.96 2.60
N LEU B 169 -14.04 -19.82 3.33
CA LEU B 169 -13.75 -21.26 3.22
C LEU B 169 -14.24 -21.86 1.91
N HIS B 170 -15.29 -21.31 1.30
CA HIS B 170 -15.70 -21.84 0.00
C HIS B 170 -14.63 -21.60 -1.05
N ARG B 171 -14.15 -20.35 -1.14
CA ARG B 171 -13.00 -20.04 -1.98
C ARG B 171 -11.84 -20.99 -1.71
N ASN B 172 -11.68 -21.41 -0.45
CA ASN B 172 -10.63 -22.36 -0.12
C ASN B 172 -10.88 -23.73 -0.75
N PHE B 173 -12.13 -24.09 -1.03
CA PHE B 173 -12.36 -25.36 -1.72
C PHE B 173 -11.77 -25.30 -3.13
N GLY B 174 -12.16 -24.30 -3.91
CA GLY B 174 -11.57 -24.13 -5.23
C GLY B 174 -10.06 -24.08 -5.17
N GLU B 175 -9.52 -23.38 -4.17
CA GLU B 175 -8.08 -23.18 -4.08
C GLU B 175 -7.35 -24.52 -3.91
N GLU B 176 -7.76 -25.34 -2.94
CA GLU B 176 -7.07 -26.60 -2.70
C GLU B 176 -7.23 -27.55 -3.87
N TRP B 177 -8.44 -27.65 -4.42
CA TRP B 177 -8.65 -28.51 -5.59
C TRP B 177 -7.69 -28.12 -6.72
N LEU B 178 -7.77 -26.86 -7.14
CA LEU B 178 -6.94 -26.40 -8.24
C LEU B 178 -5.46 -26.37 -7.85
N LYS B 179 -5.14 -26.12 -6.59
CA LYS B 179 -3.74 -26.17 -6.15
C LYS B 179 -3.16 -27.57 -6.33
N ALA B 180 -3.93 -28.58 -5.92
CA ALA B 180 -3.46 -29.96 -6.05
C ALA B 180 -3.39 -30.38 -7.52
N ASN B 181 -4.31 -29.87 -8.35
CA ASN B 181 -4.35 -30.17 -9.78
C ASN B 181 -3.86 -29.01 -10.63
N PHE B 182 -2.84 -28.29 -10.14
CA PHE B 182 -2.47 -27.00 -10.74
C PHE B 182 -1.92 -27.18 -12.14
N ASP B 183 -0.84 -27.97 -12.28
CA ASP B 183 -0.23 -28.16 -13.58
C ASP B 183 -1.24 -28.64 -14.61
N ALA B 184 -2.16 -29.50 -14.20
CA ALA B 184 -3.16 -30.05 -15.12
C ALA B 184 -4.20 -29.01 -15.52
N SER B 185 -4.47 -28.03 -14.65
CA SER B 185 -5.58 -27.10 -14.80
C SER B 185 -5.15 -25.71 -15.26
N LYS B 186 -3.84 -25.41 -15.27
CA LYS B 186 -3.39 -24.04 -15.40
C LYS B 186 -3.87 -23.41 -16.70
N ALA B 187 -3.65 -24.10 -17.82
CA ALA B 187 -4.02 -23.54 -19.12
C ALA B 187 -5.50 -23.21 -19.20
N GLU B 188 -6.35 -24.07 -18.64
CA GLU B 188 -7.78 -23.84 -18.66
C GLU B 188 -8.19 -22.73 -17.69
N LEU B 189 -7.51 -22.66 -16.54
CA LEU B 189 -7.74 -21.54 -15.63
C LEU B 189 -7.45 -20.22 -16.33
N GLU B 190 -6.34 -20.15 -17.06
CA GLU B 190 -6.01 -18.94 -17.80
C GLU B 190 -7.10 -18.60 -18.80
N GLU B 191 -7.58 -19.61 -19.55
CA GLU B 191 -8.63 -19.37 -20.53
C GLU B 191 -9.93 -18.95 -19.86
N ALA B 192 -10.29 -19.66 -18.78
CA ALA B 192 -11.55 -19.33 -18.11
C ALA B 192 -11.48 -17.96 -17.44
N ASN B 193 -10.31 -17.58 -16.92
CA ASN B 193 -10.20 -16.22 -16.40
C ASN B 193 -10.50 -15.19 -17.49
N ARG B 194 -9.88 -15.34 -18.68
CA ARG B 194 -10.07 -14.36 -19.75
C ARG B 194 -11.53 -14.28 -20.19
N GLN B 195 -12.22 -15.42 -20.22
CA GLN B 195 -13.60 -15.42 -20.70
C GLN B 195 -14.57 -14.85 -19.65
N ASN B 196 -14.28 -15.01 -18.36
CA ASN B 196 -15.23 -14.71 -17.31
C ASN B 196 -14.93 -13.45 -16.51
N LEU B 197 -13.66 -13.18 -16.19
CA LEU B 197 -13.36 -12.00 -15.39
C LEU B 197 -13.85 -10.69 -16.01
N PRO B 198 -13.81 -10.48 -17.33
CA PRO B 198 -14.42 -9.25 -17.86
C PRO B 198 -15.89 -9.09 -17.48
N LEU B 199 -16.61 -10.20 -17.26
CA LEU B 199 -18.01 -10.07 -16.86
C LEU B 199 -18.14 -9.40 -15.50
N VAL B 200 -17.18 -9.64 -14.60
CA VAL B 200 -17.21 -9.00 -13.28
C VAL B 200 -17.19 -7.49 -13.43
N TRP B 201 -16.37 -6.97 -14.35
CA TRP B 201 -16.30 -5.52 -14.54
C TRP B 201 -17.61 -4.98 -15.11
N LEU B 202 -18.19 -5.69 -16.08
CA LEU B 202 -19.46 -5.25 -16.64
C LEU B 202 -20.56 -5.24 -15.59
N MET B 203 -20.69 -6.34 -14.83
CA MET B 203 -21.69 -6.38 -13.76
C MET B 203 -21.43 -5.30 -12.70
N LEU B 204 -20.17 -5.09 -12.32
N LEU B 204 -20.17 -5.10 -12.32
CA LEU B 204 -19.87 -4.08 -11.30
CA LEU B 204 -19.85 -4.09 -11.32
C LEU B 204 -20.14 -2.67 -11.80
C LEU B 204 -20.10 -2.67 -11.81
N ASN B 205 -20.30 -2.47 -13.11
CA ASN B 205 -20.63 -1.16 -13.67
C ASN B 205 -22.12 -1.00 -13.85
N GLU B 206 -22.80 -2.05 -14.32
CA GLU B 206 -24.26 -2.04 -14.35
C GLU B 206 -24.81 -1.70 -12.96
N VAL B 207 -24.33 -2.40 -11.94
CA VAL B 207 -24.83 -2.30 -10.58
C VAL B 207 -24.17 -1.13 -9.86
N ALA B 208 -23.36 -0.36 -10.57
CA ALA B 208 -22.53 0.65 -9.92
C ALA B 208 -23.38 1.73 -9.25
N ASP B 209 -24.33 2.30 -9.98
CA ASP B 209 -25.10 3.43 -9.46
C ASP B 209 -25.86 3.04 -8.20
N ASP B 210 -26.55 1.90 -8.24
CA ASP B 210 -27.37 1.47 -7.12
C ASP B 210 -26.51 1.09 -5.92
N ALA B 211 -25.34 0.50 -6.18
CA ALA B 211 -24.41 0.20 -5.11
C ALA B 211 -23.98 1.46 -4.39
N ARG B 212 -23.78 2.56 -5.12
CA ARG B 212 -23.26 3.76 -4.49
C ARG B 212 -24.27 4.34 -3.50
N GLU B 213 -25.56 4.28 -3.82
CA GLU B 213 -26.53 4.92 -2.94
C GLU B 213 -26.76 4.12 -1.68
N LEU B 214 -26.46 2.83 -1.70
CA LEU B 214 -26.35 2.05 -0.47
C LEU B 214 -25.03 2.32 0.26
N GLY B 215 -24.27 3.33 -0.17
CA GLY B 215 -23.02 3.70 0.47
C GLY B 215 -21.82 2.88 0.08
N MET B 216 -21.80 2.35 -1.15
CA MET B 216 -20.79 1.41 -1.61
C MET B 216 -20.09 1.98 -2.84
N GLU B 217 -18.84 2.42 -2.69
CA GLU B 217 -18.11 2.96 -3.82
C GLU B 217 -17.64 1.83 -4.72
N ARG B 218 -17.89 2.00 -6.03
CA ARG B 218 -17.40 1.02 -7.00
C ARG B 218 -15.91 0.78 -6.86
N GLU B 219 -15.15 1.85 -6.60
CA GLU B 219 -13.70 1.73 -6.52
C GLU B 219 -13.29 0.75 -5.42
N SER B 220 -13.97 0.80 -4.26
CA SER B 220 -13.69 -0.16 -3.19
C SER B 220 -14.08 -1.57 -3.58
N LEU B 221 -15.15 -1.73 -4.36
CA LEU B 221 -15.60 -3.07 -4.73
C LEU B 221 -14.59 -3.77 -5.63
N VAL B 222 -14.11 -3.07 -6.67
CA VAL B 222 -13.03 -3.56 -7.53
C VAL B 222 -11.84 -3.99 -6.68
N GLU B 223 -11.43 -3.13 -5.75
CA GLU B 223 -10.22 -3.36 -4.97
C GLU B 223 -10.35 -4.61 -4.11
N ASP B 224 -11.44 -4.71 -3.34
CA ASP B 224 -11.66 -5.90 -2.53
C ASP B 224 -11.78 -7.15 -3.40
N PHE B 225 -12.46 -7.03 -4.54
CA PHE B 225 -12.52 -8.18 -5.45
C PHE B 225 -11.12 -8.58 -5.89
N MET B 226 -10.33 -7.62 -6.37
CA MET B 226 -8.98 -7.95 -6.84
C MET B 226 -8.12 -8.51 -5.71
N ILE B 227 -8.27 -7.98 -4.48
CA ILE B 227 -7.52 -8.53 -3.36
C ILE B 227 -7.92 -9.99 -3.11
N ALA B 228 -9.22 -10.25 -2.99
CA ALA B 228 -9.66 -11.63 -2.76
C ALA B 228 -9.28 -12.55 -3.91
N TYR B 229 -9.50 -12.11 -5.15
CA TYR B 229 -9.19 -12.95 -6.31
C TYR B 229 -7.70 -13.17 -6.44
N GLY B 230 -6.89 -12.13 -6.20
CA GLY B 230 -5.45 -12.28 -6.31
C GLY B 230 -4.91 -13.31 -5.33
N GLU B 231 -5.38 -13.24 -4.09
CA GLU B 231 -4.87 -14.16 -3.07
C GLU B 231 -5.23 -15.61 -3.40
N ALA B 232 -6.40 -15.85 -3.98
CA ALA B 232 -6.74 -17.22 -4.36
C ALA B 232 -5.83 -17.70 -5.49
N LEU B 233 -5.61 -16.86 -6.51
CA LEU B 233 -4.74 -17.27 -7.60
C LEU B 233 -3.34 -17.54 -7.10
N GLU B 234 -2.89 -16.79 -6.09
CA GLU B 234 -1.59 -17.03 -5.50
C GLU B 234 -1.54 -18.37 -4.79
N ASN B 235 -2.57 -18.68 -3.99
CA ASN B 235 -2.57 -19.95 -3.27
C ASN B 235 -2.67 -21.12 -4.24
N ILE B 236 -3.38 -20.94 -5.35
CA ILE B 236 -3.50 -21.99 -6.36
C ILE B 236 -2.15 -22.27 -7.01
N GLY B 237 -1.27 -21.27 -7.07
CA GLY B 237 0.08 -21.47 -7.53
C GLY B 237 0.54 -20.54 -8.63
N PHE B 238 -0.29 -19.57 -9.01
CA PHE B 238 0.15 -18.57 -9.98
C PHE B 238 1.18 -17.64 -9.37
N THR B 239 2.09 -17.14 -10.21
CA THR B 239 3.09 -16.18 -9.76
C THR B 239 2.50 -14.78 -9.77
N THR B 240 3.23 -13.84 -9.15
CA THR B 240 2.77 -12.46 -9.09
C THR B 240 2.57 -11.89 -10.49
N ARG B 241 3.53 -12.09 -11.38
CA ARG B 241 3.39 -11.57 -12.74
C ARG B 241 2.17 -12.17 -13.41
N GLU B 242 2.00 -13.48 -13.29
CA GLU B 242 0.80 -14.12 -13.82
C GLU B 242 -0.46 -13.51 -13.21
N ILE B 243 -0.48 -13.37 -11.87
CA ILE B 243 -1.63 -12.80 -11.19
C ILE B 243 -1.93 -11.40 -11.70
N MET B 244 -0.89 -10.55 -11.80
CA MET B 244 -1.16 -9.19 -12.22
C MET B 244 -1.63 -9.13 -13.67
N ARG B 245 -1.18 -10.06 -14.52
CA ARG B 245 -1.75 -10.10 -15.86
C ARG B 245 -3.19 -10.62 -15.83
N MET B 246 -3.45 -11.70 -15.10
CA MET B 246 -4.79 -12.28 -15.10
C MET B 246 -5.80 -11.37 -14.42
N SER B 247 -5.41 -10.74 -13.30
CA SER B 247 -6.36 -10.00 -12.48
C SER B 247 -6.85 -8.72 -13.16
N ALA B 248 -6.09 -8.19 -14.11
CA ALA B 248 -6.49 -6.94 -14.76
C ALA B 248 -7.08 -7.18 -16.13
N TYR B 249 -7.33 -8.44 -16.50
CA TYR B 249 -7.83 -8.72 -17.83
C TYR B 249 -9.24 -8.16 -17.98
N GLY B 250 -9.49 -7.46 -19.09
CA GLY B 250 -10.76 -6.80 -19.34
C GLY B 250 -10.94 -5.46 -18.67
N LEU B 251 -10.08 -5.09 -17.72
CA LEU B 251 -10.21 -3.85 -16.98
C LEU B 251 -9.60 -2.69 -17.76
PA NDP C . 6.05 14.23 8.25
O1A NDP C . 4.63 14.53 7.83
O2A NDP C . 6.33 13.71 9.64
O5B NDP C . 6.92 15.58 8.03
C5B NDP C . 6.38 16.68 7.33
C4B NDP C . 6.51 17.94 8.18
O4B NDP C . 6.99 19.02 7.38
C3B NDP C . 5.18 18.36 8.77
O3B NDP C . 5.25 18.37 10.20
C2B NDP C . 4.90 19.76 8.25
O2B NDP C . 4.79 20.66 9.34
C1B NDP C . 6.08 20.13 7.37
N9A NDP C . 5.61 20.39 5.99
C8A NDP C . 4.95 19.52 5.21
N7A NDP C . 4.66 20.08 4.00
C5A NDP C . 5.16 21.33 4.00
C6A NDP C . 5.22 22.46 3.04
N6A NDP C . 4.66 22.35 1.81
N1A NDP C . 5.83 23.59 3.44
C2A NDP C . 6.38 23.70 4.65
N3A NDP C . 6.37 22.72 5.58
C4A NDP C . 5.79 21.53 5.32
O3 NDP C . 6.70 13.22 7.18
PN NDP C . 8.02 12.36 7.57
O1N NDP C . 7.59 10.94 7.82
O2N NDP C . 8.78 13.12 8.63
O5D NDP C . 8.87 12.40 6.21
C5D NDP C . 9.21 13.65 5.59
C4D NDP C . 9.31 13.46 4.09
O4D NDP C . 10.58 12.92 3.74
C3D NDP C . 8.24 12.51 3.58
O3D NDP C . 7.39 13.17 2.63
C2D NDP C . 8.98 11.37 2.90
O2D NDP C . 8.61 11.29 1.52
C1D NDP C . 10.46 11.69 3.03
N1N NDP C . 11.13 10.61 3.77
C2N NDP C . 12.25 10.08 3.27
C3N NDP C . 12.93 9.07 3.93
C7N NDP C . 14.19 8.51 3.33
O7N NDP C . 14.77 9.14 2.46
N7N NDP C . 14.64 7.33 3.75
C4N NDP C . 12.43 8.52 5.25
C5N NDP C . 11.21 9.18 5.67
C6N NDP C . 10.61 10.19 4.93
P2B NDP C . 3.35 21.10 9.91
O1X NDP C . 3.03 20.03 10.94
O2X NDP C . 3.58 22.47 10.49
O3X NDP C . 2.46 21.07 8.69
C1 OCD D . 11.58 6.01 2.87
O1 OCD D . 10.76 6.35 3.72
C2 OCD D . 11.33 6.43 1.43
C3 OCD D . 10.78 5.19 0.71
C4 OCD D . 10.39 5.43 -0.75
C5 OCD D . 9.19 4.57 -1.15
C6 OCD D . 9.54 3.44 -2.12
C7 OCD D . 10.24 3.92 -3.37
C8 OCD D . 11.16 2.85 -3.93
C9 OCD D . 10.37 1.77 -4.60
C10 OCD D . 10.10 2.01 -6.08
C11 OCD D . 10.94 1.02 -6.87
C12 OCD D . 10.17 0.06 -7.78
C13 OCD D . 8.72 -0.14 -7.37
C14 OCD D . 8.04 -1.10 -8.34
C15 OCD D . 6.55 -0.83 -8.39
C16 OCD D . 5.83 -1.94 -9.17
C17 OCD D . 4.47 -1.46 -9.70
C18 OCD D . 3.72 -2.58 -10.38
C1 PL3 E . -22.29 -16.48 -2.69
O1 PL3 E . -21.60 -17.73 -2.73
C2 PL3 E . -22.65 -16.01 -4.09
C3 PL3 E . -23.42 -14.69 -4.03
C4 PL3 E . -22.65 -13.50 -4.60
C5 PL3 E . -23.52 -12.25 -4.69
C6 PL3 E . -22.72 -11.01 -5.06
C7 PL3 E . -23.60 -9.86 -5.54
C8 PL3 E . -22.85 -8.53 -5.52
C9 PL3 E . -23.64 -7.39 -6.18
CA PL3 E . -22.85 -6.09 -6.26
CB PL3 E . -22.50 -5.53 -4.89
CC PL3 E . -23.75 -5.39 -4.02
CD PL3 E . -23.43 -5.82 -2.59
CE PL3 E . -24.65 -6.21 -1.76
CF PL3 E . -24.25 -6.64 -0.35
CG PL3 E . -25.35 -7.43 0.32
FE FE2 F . -22.77 -17.82 -0.06
FE FE2 G . -20.25 -19.03 -1.28
#